data_5LN1
#
_entry.id   5LN1
#
_cell.length_a   107.290
_cell.length_b   49.700
_cell.length_c   81.330
_cell.angle_alpha   90.00
_cell.angle_beta   130.55
_cell.angle_gamma   90.00
#
_symmetry.space_group_name_H-M   'C 1 2 1'
#
loop_
_entity.id
_entity.type
_entity.pdbx_description
1 polymer '26S proteasome regulatory subunit RPN10'
2 polymer Polyubiquitin-B
#
loop_
_entity_poly.entity_id
_entity_poly.type
_entity_poly.pdbx_seq_one_letter_code
_entity_poly.pdbx_strand_id
1 'polypeptide(L)'
;GPPRMVLEATVLVIDNSEYSRNGDFPRTRFEAQIDSVEFIFQAKRNSNPENTVGLISGAGANPRVLSTFTAEFGKILAGL
HDTQIEGKLHMATALQIAQLTLKHRQNKVQHQRIVAFVCSPISDSRDELIRLAKTLKKNNVAVDIINFGEIEQNTELLDE
FIAAVNNPQEETSHLLTVTPGPRLLYENIASSPII
;
A
2 'polypeptide(L)'
;GAMGSMQIFVKTLTGKTITLEVEPSDTIENVKAKIQDKEGIPPDQQRLIFAGKQLEDGRTLSDYNIQKESTLHLVLRLRG
G
;
U
#
# COMPACT_ATOMS: atom_id res chain seq x y z
N MET A 5 -27.86 0.30 4.69
CA MET A 5 -27.73 1.74 4.48
C MET A 5 -28.01 2.13 3.02
N VAL A 6 -26.95 2.27 2.22
CA VAL A 6 -27.07 2.66 0.83
C VAL A 6 -26.54 1.57 -0.10
N LEU A 7 -27.21 1.35 -1.23
CA LEU A 7 -26.81 0.32 -2.18
C LEU A 7 -25.65 0.87 -3.00
N GLU A 8 -24.48 0.23 -2.90
CA GLU A 8 -23.34 0.71 -3.68
C GLU A 8 -22.28 -0.35 -4.00
N ALA A 9 -21.67 -0.20 -5.16
CA ALA A 9 -20.51 -0.99 -5.51
C ALA A 9 -19.29 -0.14 -5.15
N THR A 10 -18.38 -0.74 -4.42
CA THR A 10 -17.18 -0.03 -4.03
C THR A 10 -15.93 -0.80 -4.46
N VAL A 11 -14.87 -0.08 -4.77
CA VAL A 11 -13.62 -0.70 -5.21
C VAL A 11 -12.54 -0.35 -4.20
N LEU A 12 -11.87 -1.34 -3.62
CA LEU A 12 -10.76 -1.01 -2.72
C LEU A 12 -9.44 -1.04 -3.52
N VAL A 13 -8.75 0.10 -3.55
CA VAL A 13 -7.39 0.16 -4.05
C VAL A 13 -6.37 0.25 -2.90
N ILE A 14 -5.42 -0.66 -2.92
CA ILE A 14 -4.38 -0.68 -1.91
C ILE A 14 -3.03 -0.20 -2.47
N ASP A 15 -2.23 0.43 -1.62
CA ASP A 15 -0.88 0.84 -1.99
C ASP A 15 -0.04 -0.36 -1.62
N ASN A 16 0.45 -1.10 -2.61
CA ASN A 16 1.39 -2.18 -2.40
C ASN A 16 2.85 -1.81 -2.66
N SER A 17 3.12 -0.51 -2.84
CA SER A 17 4.47 -0.01 -3.11
C SER A 17 5.51 -0.27 -2.01
N GLU A 18 6.80 -0.19 -2.36
CA GLU A 18 7.92 -0.47 -1.45
C GLU A 18 7.78 0.26 -0.09
N TYR A 19 7.11 1.42 -0.09
CA TYR A 19 6.75 2.09 1.15
C TYR A 19 5.86 1.28 2.11
N SER A 20 5.09 0.31 1.58
CA SER A 20 4.14 -0.51 2.36
C SER A 20 4.71 -1.26 3.54
N ARG A 21 5.99 -1.62 3.46
CA ARG A 21 6.62 -2.30 4.58
C ARG A 21 7.24 -1.22 5.43
N ASN A 22 6.62 -0.93 6.56
CA ASN A 22 7.16 0.08 7.44
C ASN A 22 6.70 -0.15 8.87
N GLY A 23 7.51 0.27 9.82
CA GLY A 23 7.18 0.06 11.22
C GLY A 23 5.96 0.84 11.64
N ASP A 24 5.95 2.14 11.31
CA ASP A 24 5.06 3.12 11.92
C ASP A 24 3.58 2.69 12.06
N PHE A 25 3.05 1.99 11.05
CA PHE A 25 1.70 1.42 11.14
C PHE A 25 1.75 -0.09 11.29
N PRO A 26 1.43 -0.59 12.50
CA PRO A 26 1.59 -2.00 12.84
C PRO A 26 0.61 -2.86 12.06
N ARG A 27 1.03 -4.03 11.61
CA ARG A 27 2.40 -4.53 11.78
C ARG A 27 3.34 -3.87 10.75
N THR A 28 2.84 -3.74 9.52
CA THR A 28 3.44 -2.94 8.45
C THR A 28 2.27 -2.25 7.72
N ARG A 29 2.54 -1.10 7.07
CA ARG A 29 1.50 -0.35 6.36
C ARG A 29 0.69 -1.24 5.42
N PHE A 30 1.36 -2.16 4.74
CA PHE A 30 0.70 -3.13 3.87
C PHE A 30 -0.30 -3.94 4.66
N GLU A 31 0.19 -4.55 5.73
CA GLU A 31 -0.63 -5.41 6.56
C GLU A 31 -1.78 -4.65 7.23
N ALA A 32 -1.48 -3.41 7.65
CA ALA A 32 -2.51 -2.48 8.12
C ALA A 32 -3.62 -2.51 7.09
N GLN A 33 -3.22 -2.35 5.83
CA GLN A 33 -4.15 -2.22 4.71
C GLN A 33 -4.93 -3.51 4.47
N ILE A 34 -4.31 -4.65 4.73
CA ILE A 34 -5.04 -5.92 4.64
C ILE A 34 -6.14 -6.03 5.68
N ASP A 35 -5.80 -5.83 6.96
CA ASP A 35 -6.85 -5.85 7.98
C ASP A 35 -7.96 -4.87 7.60
N SER A 36 -7.56 -3.71 7.07
CA SER A 36 -8.54 -2.71 6.62
C SER A 36 -9.46 -3.17 5.46
N VAL A 37 -8.89 -3.80 4.45
CA VAL A 37 -9.72 -4.38 3.40
C VAL A 37 -10.73 -5.34 4.04
N GLU A 38 -10.26 -6.26 4.89
CA GLU A 38 -11.14 -7.26 5.52
C GLU A 38 -12.30 -6.61 6.28
N PHE A 39 -11.95 -5.69 7.13
CA PHE A 39 -12.94 -4.95 7.88
C PHE A 39 -13.96 -4.29 6.98
N ILE A 40 -13.46 -3.43 6.10
CA ILE A 40 -14.29 -2.64 5.19
C ILE A 40 -15.24 -3.51 4.38
N PHE A 41 -14.73 -4.60 3.82
CA PHE A 41 -15.55 -5.56 3.07
C PHE A 41 -16.70 -6.07 3.92
N GLN A 42 -16.33 -6.64 5.09
CA GLN A 42 -17.33 -7.21 6.00
C GLN A 42 -18.34 -6.14 6.44
N ALA A 43 -17.94 -4.87 6.39
CA ALA A 43 -18.81 -3.77 6.80
C ALA A 43 -19.84 -3.46 5.71
N LYS A 44 -19.33 -3.01 4.57
CA LYS A 44 -20.15 -2.69 3.41
C LYS A 44 -21.13 -3.81 3.14
N ARG A 45 -20.66 -5.05 3.31
CA ARG A 45 -21.49 -6.22 3.07
C ARG A 45 -22.73 -6.28 3.99
N ASN A 46 -22.59 -5.81 5.24
CA ASN A 46 -23.71 -5.87 6.20
C ASN A 46 -24.52 -4.59 6.34
N SER A 47 -24.14 -3.56 5.60
CA SER A 47 -24.96 -2.34 5.58
C SER A 47 -26.11 -2.54 4.60
N ASN A 48 -25.97 -3.55 3.75
CA ASN A 48 -26.95 -3.90 2.72
C ASN A 48 -26.43 -5.17 2.08
N PRO A 49 -27.31 -6.18 1.95
CA PRO A 49 -26.91 -7.52 1.49
C PRO A 49 -26.59 -7.50 0.01
N GLU A 50 -27.08 -6.46 -0.66
CA GLU A 50 -26.87 -6.29 -2.09
C GLU A 50 -25.55 -5.61 -2.48
N ASN A 51 -24.84 -5.00 -1.52
CA ASN A 51 -23.54 -4.42 -1.85
C ASN A 51 -22.59 -5.49 -2.41
N THR A 52 -21.71 -5.09 -3.33
CA THR A 52 -20.62 -5.97 -3.80
C THR A 52 -19.33 -5.16 -3.85
N VAL A 53 -18.21 -5.76 -3.46
CA VAL A 53 -16.95 -4.99 -3.47
C VAL A 53 -15.81 -5.60 -4.31
N GLY A 54 -15.04 -4.72 -4.95
CA GLY A 54 -13.81 -5.09 -5.65
C GLY A 54 -12.47 -4.65 -5.05
N LEU A 55 -11.39 -5.27 -5.53
CA LEU A 55 -10.03 -5.08 -5.00
C LEU A 55 -9.01 -4.78 -6.11
N ILE A 56 -8.15 -3.79 -5.89
CA ILE A 56 -7.16 -3.40 -6.89
C ILE A 56 -5.78 -3.12 -6.32
N SER A 57 -4.77 -3.89 -6.71
CA SER A 57 -3.43 -3.46 -6.32
C SER A 57 -3.15 -2.19 -7.14
N GLY A 58 -2.74 -1.14 -6.44
CA GLY A 58 -2.50 0.14 -7.06
C GLY A 58 -1.03 0.47 -7.27
N ALA A 59 -0.16 -0.54 -7.19
CA ALA A 59 1.28 -0.32 -7.38
C ALA A 59 1.93 -1.51 -8.08
N GLY A 60 3.25 -1.58 -8.10
CA GLY A 60 3.93 -2.72 -8.65
C GLY A 60 4.73 -2.60 -9.92
N ALA A 61 4.06 -2.03 -10.91
CA ALA A 61 4.58 -1.90 -12.27
C ALA A 61 3.39 -1.76 -13.20
N ASN A 62 2.19 -1.72 -12.61
CA ASN A 62 0.94 -1.61 -13.36
C ASN A 62 -0.24 -2.10 -12.53
N PRO A 63 -1.05 -1.17 -12.03
CA PRO A 63 -2.19 -1.52 -11.17
C PRO A 63 -3.01 -2.68 -11.74
N ARG A 64 -3.36 -3.66 -10.92
CA ARG A 64 -4.06 -4.82 -11.46
C ARG A 64 -5.25 -5.21 -10.61
N VAL A 65 -6.29 -5.75 -11.26
CA VAL A 65 -7.51 -6.13 -10.54
C VAL A 65 -7.32 -7.47 -9.83
N LEU A 66 -7.34 -7.43 -8.50
CA LEU A 66 -7.11 -8.61 -7.69
C LEU A 66 -8.37 -9.43 -7.48
N SER A 67 -9.49 -8.75 -7.34
CA SER A 67 -10.78 -9.40 -7.41
C SER A 67 -11.81 -8.47 -8.01
N THR A 68 -12.66 -9.06 -8.83
CA THR A 68 -13.80 -8.39 -9.41
C THR A 68 -14.81 -8.15 -8.28
N PHE A 69 -15.97 -7.57 -8.57
CA PHE A 69 -16.99 -7.40 -7.54
C PHE A 69 -17.55 -8.76 -7.01
N THR A 70 -17.55 -8.93 -5.67
CA THR A 70 -18.25 -10.05 -5.04
C THR A 70 -18.95 -9.76 -3.72
N ALA A 71 -19.75 -10.74 -3.28
CA ALA A 71 -20.17 -10.84 -1.89
C ALA A 71 -19.27 -11.85 -1.20
N GLU A 72 -18.35 -12.45 -1.97
CA GLU A 72 -17.59 -13.61 -1.48
C GLU A 72 -16.30 -13.24 -0.74
N PHE A 73 -16.25 -13.56 0.56
CA PHE A 73 -15.10 -13.23 1.38
C PHE A 73 -13.91 -14.11 1.01
N GLY A 74 -14.18 -15.25 0.41
CA GLY A 74 -13.11 -16.14 0.01
C GLY A 74 -12.25 -15.59 -1.12
N LYS A 75 -12.86 -14.92 -2.09
CA LYS A 75 -12.09 -14.46 -3.24
C LYS A 75 -11.56 -13.05 -3.02
N ILE A 76 -12.04 -12.40 -1.96
CA ILE A 76 -11.37 -11.18 -1.52
C ILE A 76 -10.09 -11.68 -0.90
N LEU A 77 -10.23 -12.76 -0.13
CA LEU A 77 -9.10 -13.36 0.57
C LEU A 77 -8.13 -14.04 -0.38
N ALA A 78 -8.65 -14.51 -1.50
CA ALA A 78 -7.79 -15.18 -2.46
C ALA A 78 -7.02 -14.13 -3.26
N GLY A 79 -7.65 -12.96 -3.42
CA GLY A 79 -7.07 -11.91 -4.21
C GLY A 79 -6.10 -11.15 -3.35
N LEU A 80 -6.30 -11.22 -2.03
CA LEU A 80 -5.49 -10.47 -1.06
C LEU A 80 -4.16 -11.21 -0.83
N HIS A 81 -4.25 -12.54 -0.81
CA HIS A 81 -3.11 -13.42 -0.93
C HIS A 81 -2.84 -13.58 -2.42
N ASP A 82 -1.59 -13.46 -2.83
CA ASP A 82 -1.24 -13.38 -4.27
C ASP A 82 -0.95 -11.97 -4.81
N THR A 83 -1.10 -10.94 -3.96
CA THR A 83 -0.49 -9.63 -4.25
C THR A 83 0.88 -9.54 -3.55
N GLN A 84 1.63 -8.48 -3.79
CA GLN A 84 3.00 -8.38 -3.30
C GLN A 84 3.43 -6.94 -3.06
N ILE A 85 4.31 -6.75 -2.07
CA ILE A 85 4.92 -5.45 -1.89
C ILE A 85 6.06 -5.28 -2.91
N GLU A 86 5.92 -4.26 -3.75
CA GLU A 86 6.86 -4.01 -4.84
C GLU A 86 6.45 -2.75 -5.62
N GLY A 87 7.42 -2.14 -6.31
CA GLY A 87 7.15 -1.01 -7.18
C GLY A 87 6.74 0.30 -6.52
N LYS A 88 6.18 1.20 -7.33
CA LYS A 88 5.75 2.50 -6.84
C LYS A 88 4.25 2.63 -7.08
N LEU A 89 3.60 3.57 -6.39
CA LEU A 89 2.16 3.70 -6.54
C LEU A 89 1.78 4.47 -7.81
N HIS A 90 1.03 3.85 -8.71
CA HIS A 90 0.58 4.62 -9.86
C HIS A 90 -0.87 5.00 -9.66
N MET A 91 -1.08 6.22 -9.14
CA MET A 91 -2.36 6.59 -8.59
C MET A 91 -3.38 6.79 -9.70
N ALA A 92 -3.08 7.68 -10.64
CA ALA A 92 -4.06 8.02 -11.65
C ALA A 92 -4.43 6.80 -12.53
N THR A 93 -3.46 5.94 -12.78
CA THR A 93 -3.74 4.71 -13.50
C THR A 93 -4.70 3.88 -12.65
N ALA A 94 -4.37 3.70 -11.36
CA ALA A 94 -5.19 2.89 -10.46
C ALA A 94 -6.62 3.42 -10.45
N LEU A 95 -6.74 4.74 -10.38
CA LEU A 95 -8.03 5.42 -10.39
C LEU A 95 -8.78 5.19 -11.72
N GLN A 96 -8.02 5.10 -12.82
CA GLN A 96 -8.61 4.80 -14.12
C GLN A 96 -9.17 3.39 -14.19
N ILE A 97 -8.43 2.40 -13.72
CA ILE A 97 -8.92 1.04 -13.77
C ILE A 97 -10.07 0.81 -12.77
N ALA A 98 -10.04 1.53 -11.64
CA ALA A 98 -11.16 1.52 -10.70
C ALA A 98 -12.45 2.08 -11.34
N GLN A 99 -12.31 3.19 -12.04
CA GLN A 99 -13.43 3.80 -12.72
C GLN A 99 -13.98 2.87 -13.83
N LEU A 100 -13.07 2.32 -14.64
CA LEU A 100 -13.45 1.38 -15.68
C LEU A 100 -14.21 0.20 -15.06
N THR A 101 -13.74 -0.30 -13.91
CA THR A 101 -14.45 -1.39 -13.21
C THR A 101 -15.87 -1.01 -12.77
N LEU A 102 -16.02 0.21 -12.26
CA LEU A 102 -17.31 0.64 -11.74
C LEU A 102 -18.34 0.84 -12.83
N LYS A 103 -17.92 1.39 -13.98
CA LYS A 103 -18.86 1.56 -15.12
C LYS A 103 -19.57 0.26 -15.48
N HIS A 104 -18.83 -0.85 -15.39
CA HIS A 104 -19.33 -2.15 -15.79
C HIS A 104 -19.89 -3.03 -14.67
N ARG A 105 -19.98 -2.45 -13.48
CA ARG A 105 -20.65 -3.06 -12.32
C ARG A 105 -22.04 -3.55 -12.77
N GLN A 106 -22.34 -4.81 -12.48
CA GLN A 106 -23.65 -5.39 -12.76
C GLN A 106 -24.61 -4.73 -11.80
N ASN A 107 -25.89 -4.63 -12.14
CA ASN A 107 -26.82 -3.87 -11.30
C ASN A 107 -26.49 -2.37 -11.14
N LYS A 108 -26.76 -1.62 -12.21
CA LYS A 108 -26.46 -0.19 -12.29
C LYS A 108 -27.21 0.73 -11.30
N VAL A 109 -28.15 0.19 -10.51
CA VAL A 109 -28.73 0.98 -9.40
C VAL A 109 -27.72 1.22 -8.27
N GLN A 110 -26.60 0.50 -8.30
CA GLN A 110 -25.56 0.63 -7.29
C GLN A 110 -24.85 1.96 -7.46
N HIS A 111 -24.82 2.80 -6.41
CA HIS A 111 -24.01 4.01 -6.44
C HIS A 111 -22.54 3.61 -6.55
N GLN A 112 -21.75 4.42 -7.22
CA GLN A 112 -20.35 4.09 -7.46
C GLN A 112 -19.43 4.71 -6.41
N ARG A 113 -18.56 3.89 -5.82
CA ARG A 113 -17.58 4.43 -4.88
C ARG A 113 -16.24 3.74 -4.97
N ILE A 114 -15.17 4.53 -4.98
CA ILE A 114 -13.83 3.96 -4.86
C ILE A 114 -13.21 4.41 -3.53
N VAL A 115 -12.52 3.48 -2.87
CA VAL A 115 -11.85 3.75 -1.61
C VAL A 115 -10.39 3.39 -1.82
N ALA A 116 -9.49 4.32 -1.57
CA ALA A 116 -8.07 4.08 -1.87
C ALA A 116 -7.15 4.47 -0.72
N PHE A 117 -6.13 3.64 -0.47
CA PHE A 117 -5.14 3.96 0.56
C PHE A 117 -3.92 4.58 -0.13
N VAL A 118 -3.43 5.70 0.37
CA VAL A 118 -2.15 6.21 -0.09
C VAL A 118 -1.12 6.32 1.04
N CYS A 119 -0.22 5.35 1.12
CA CYS A 119 0.96 5.47 1.99
C CYS A 119 2.28 5.83 1.29
N SER A 120 2.20 6.25 0.03
CA SER A 120 3.37 6.69 -0.73
C SER A 120 3.34 8.17 -1.18
N PRO A 121 4.53 8.76 -1.39
CA PRO A 121 4.69 10.05 -2.07
C PRO A 121 4.09 9.96 -3.47
N ILE A 122 3.24 10.91 -3.86
CA ILE A 122 2.50 10.76 -5.12
C ILE A 122 3.30 11.22 -6.34
N SER A 123 3.62 10.29 -7.23
CA SER A 123 4.52 10.59 -8.33
C SER A 123 3.79 11.33 -9.42
N ASP A 124 2.47 11.18 -9.44
CA ASP A 124 1.64 11.78 -10.48
C ASP A 124 1.55 13.30 -10.34
N SER A 125 1.22 13.95 -11.46
CA SER A 125 1.06 15.39 -11.51
C SER A 125 -0.21 15.81 -10.79
N ARG A 126 -0.23 17.06 -10.32
CA ARG A 126 -1.42 17.58 -9.68
C ARG A 126 -2.48 17.83 -10.75
N ASP A 127 -2.05 18.22 -11.94
CA ASP A 127 -2.97 18.48 -13.03
C ASP A 127 -3.70 17.21 -13.48
N GLU A 128 -2.95 16.16 -13.84
CA GLU A 128 -3.58 14.88 -14.14
C GLU A 128 -4.54 14.47 -13.04
N LEU A 129 -4.13 14.60 -11.79
CA LEU A 129 -4.99 14.18 -10.68
C LEU A 129 -6.26 15.03 -10.56
N ILE A 130 -6.17 16.30 -10.90
CA ILE A 130 -7.34 17.17 -10.78
C ILE A 130 -8.30 16.95 -11.95
N ARG A 131 -7.75 16.75 -13.15
CA ARG A 131 -8.56 16.37 -14.31
C ARG A 131 -9.32 15.13 -13.91
N LEU A 132 -8.57 14.11 -13.52
CA LEU A 132 -9.12 12.82 -13.09
C LEU A 132 -10.21 13.01 -12.03
N ALA A 133 -10.01 13.97 -11.13
CA ALA A 133 -10.97 14.18 -10.06
C ALA A 133 -12.28 14.72 -10.63
N LYS A 134 -12.16 15.68 -11.55
CA LYS A 134 -13.32 16.31 -12.15
C LYS A 134 -14.09 15.29 -12.99
N THR A 135 -13.34 14.47 -13.75
CA THR A 135 -13.93 13.36 -14.51
C THR A 135 -14.74 12.45 -13.57
N LEU A 136 -14.10 11.92 -12.53
CA LEU A 136 -14.75 11.05 -11.56
C LEU A 136 -16.05 11.65 -11.05
N LYS A 137 -16.00 12.90 -10.64
CA LYS A 137 -17.21 13.59 -10.15
C LYS A 137 -18.30 13.57 -11.21
N LYS A 138 -17.92 13.88 -12.46
CA LYS A 138 -18.84 13.95 -13.60
C LYS A 138 -19.56 12.62 -13.88
N ASN A 139 -18.87 11.53 -13.61
CA ASN A 139 -19.35 10.18 -13.83
C ASN A 139 -20.06 9.62 -12.61
N ASN A 140 -20.30 10.50 -11.63
CA ASN A 140 -21.04 10.15 -10.43
C ASN A 140 -20.37 9.05 -9.59
N VAL A 141 -19.04 9.06 -9.57
CA VAL A 141 -18.30 8.19 -8.64
C VAL A 141 -17.80 9.00 -7.42
N ALA A 142 -18.02 8.44 -6.23
CA ALA A 142 -17.60 9.07 -4.97
C ALA A 142 -16.26 8.48 -4.59
N VAL A 143 -15.37 9.28 -4.00
CA VAL A 143 -14.06 8.77 -3.60
C VAL A 143 -13.69 9.03 -2.12
N ASP A 144 -13.19 7.98 -1.47
CA ASP A 144 -12.60 8.07 -0.13
C ASP A 144 -11.11 7.73 -0.21
N ILE A 145 -10.25 8.70 0.07
CA ILE A 145 -8.81 8.42 0.16
C ILE A 145 -8.51 8.07 1.62
N ILE A 146 -7.64 7.09 1.88
CA ILE A 146 -7.11 6.92 3.24
C ILE A 146 -5.69 7.48 3.22
N ASN A 147 -5.42 8.56 3.96
CA ASN A 147 -4.09 9.17 3.90
C ASN A 147 -3.26 8.97 5.18
N PHE A 148 -2.31 8.02 5.13
CA PHE A 148 -1.42 7.69 6.27
C PHE A 148 0.02 7.51 5.81
N GLY A 149 0.93 7.23 6.74
CA GLY A 149 2.34 7.15 6.38
C GLY A 149 2.89 8.51 6.02
N GLU A 150 3.34 8.70 4.79
CA GLU A 150 3.74 10.06 4.45
C GLU A 150 2.45 10.83 4.29
N ILE A 151 2.21 11.86 5.11
CA ILE A 151 0.99 12.61 4.87
C ILE A 151 1.28 13.91 4.14
N GLU A 152 0.95 13.86 2.82
CA GLU A 152 0.97 14.96 1.85
C GLU A 152 -0.40 15.17 1.22
N GLN A 153 -0.98 16.33 1.53
CA GLN A 153 -2.25 16.80 0.99
C GLN A 153 -2.20 18.32 0.92
N LEU A 157 -2.47 18.37 -1.98
CA LEU A 157 -2.77 17.61 -3.17
C LEU A 157 -3.98 16.73 -2.91
N LEU A 158 -3.92 15.92 -1.86
CA LEU A 158 -5.05 15.07 -1.53
C LEU A 158 -6.24 15.93 -1.12
N ASP A 159 -6.00 16.94 -0.29
CA ASP A 159 -7.07 17.86 0.07
C ASP A 159 -7.68 18.54 -1.17
N GLU A 160 -6.84 18.95 -2.11
CA GLU A 160 -7.31 19.62 -3.32
C GLU A 160 -8.03 18.63 -4.25
N PHE A 161 -7.59 17.36 -4.21
CA PHE A 161 -8.28 16.28 -4.94
C PHE A 161 -9.69 16.03 -4.42
N ILE A 162 -9.81 15.69 -3.14
CA ILE A 162 -11.11 15.42 -2.54
C ILE A 162 -11.99 16.67 -2.69
N ALA A 163 -11.38 17.84 -2.59
CA ALA A 163 -12.09 19.08 -2.86
C ALA A 163 -12.71 19.02 -4.24
N ALA A 164 -11.90 18.69 -5.24
CA ALA A 164 -12.36 18.61 -6.62
C ALA A 164 -13.46 17.56 -6.84
N VAL A 165 -13.23 16.34 -6.38
CA VAL A 165 -14.10 15.20 -6.69
C VAL A 165 -15.41 15.14 -5.89
N ASN A 166 -15.48 15.82 -4.75
CA ASN A 166 -16.67 15.73 -3.92
C ASN A 166 -17.91 16.23 -4.65
N ASN A 167 -19.01 15.51 -4.47
CA ASN A 167 -20.30 15.96 -4.99
C ASN A 167 -21.03 16.76 -3.94
N PRO A 168 -21.23 18.07 -4.18
CA PRO A 168 -21.72 18.89 -3.07
C PRO A 168 -23.08 18.46 -2.53
N GLN A 169 -24.06 18.27 -3.41
CA GLN A 169 -25.46 18.12 -2.98
C GLN A 169 -25.74 16.83 -2.20
N GLU A 170 -24.94 15.79 -2.46
CA GLU A 170 -24.83 14.65 -1.55
C GLU A 170 -23.35 14.42 -1.24
N GLU A 171 -22.91 14.65 0.01
CA GLU A 171 -21.47 14.77 0.25
C GLU A 171 -20.96 13.36 0.46
N THR A 172 -20.43 12.79 -0.62
CA THR A 172 -20.06 11.40 -0.60
C THR A 172 -18.55 11.15 -0.52
N SER A 173 -17.74 12.21 -0.60
CA SER A 173 -16.30 12.02 -0.76
C SER A 173 -15.43 12.54 0.42
N HIS A 174 -14.73 11.63 1.08
CA HIS A 174 -14.03 11.96 2.32
C HIS A 174 -12.50 11.75 2.26
N LEU A 175 -11.77 12.60 2.97
CA LEU A 175 -10.35 12.36 3.22
C LEU A 175 -10.11 11.98 4.68
N LEU A 176 -9.46 10.83 4.88
CA LEU A 176 -9.03 10.41 6.20
C LEU A 176 -7.52 10.61 6.34
N THR A 177 -7.11 11.54 7.20
CA THR A 177 -5.69 11.70 7.50
C THR A 177 -5.39 11.11 8.86
N VAL A 178 -4.53 10.10 8.89
CA VAL A 178 -4.31 9.36 10.13
C VAL A 178 -2.84 9.27 10.49
N THR A 179 -2.55 9.38 11.78
CA THR A 179 -1.17 9.40 12.24
C THR A 179 -0.92 8.14 13.02
N PRO A 180 0.34 7.67 12.97
CA PRO A 180 0.75 6.50 13.76
C PRO A 180 0.41 6.72 15.23
N GLY A 181 -0.07 5.67 15.89
CA GLY A 181 -0.59 5.81 17.23
C GLY A 181 -1.02 4.51 17.90
N PRO A 182 -1.84 4.64 18.97
CA PRO A 182 -2.27 3.52 19.82
C PRO A 182 -3.24 2.54 19.11
N ARG A 183 -4.20 3.08 18.36
CA ARG A 183 -5.18 2.28 17.62
C ARG A 183 -4.60 1.79 16.29
N LEU A 184 -5.08 0.63 15.83
CA LEU A 184 -4.66 0.13 14.52
C LEU A 184 -5.35 0.96 13.40
N LEU A 185 -4.97 0.72 12.14
CA LEU A 185 -5.50 1.54 11.04
C LEU A 185 -6.98 1.23 10.78
N TYR A 186 -7.37 -0.04 10.93
CA TYR A 186 -8.75 -0.40 10.68
C TYR A 186 -9.75 0.21 11.68
N GLU A 187 -9.32 0.43 12.91
CA GLU A 187 -10.16 1.10 13.92
C GLU A 187 -10.46 2.56 13.56
N ASN A 188 -9.40 3.32 13.28
CA ASN A 188 -9.51 4.68 12.77
C ASN A 188 -10.44 4.74 11.56
N ILE A 189 -10.38 3.70 10.73
CA ILE A 189 -11.28 3.64 9.58
C ILE A 189 -12.74 3.37 9.98
N ALA A 190 -12.94 2.52 11.00
CA ALA A 190 -14.27 2.22 11.53
C ALA A 190 -14.98 3.45 12.08
N SER A 191 -14.22 4.29 12.78
CA SER A 191 -14.77 5.50 13.37
C SER A 191 -14.87 6.65 12.37
N SER A 192 -14.26 6.50 11.20
CA SER A 192 -14.29 7.58 10.21
C SER A 192 -15.66 7.70 9.55
N PRO A 193 -15.93 8.84 8.88
CA PRO A 193 -17.16 9.05 8.10
C PRO A 193 -17.34 8.01 6.98
N ILE A 194 -16.28 7.26 6.67
CA ILE A 194 -16.35 6.14 5.74
C ILE A 194 -16.96 4.88 6.41
N ILE A 195 -17.06 4.94 7.75
CA ILE A 195 -17.89 4.04 8.57
C ILE A 195 -17.72 2.54 8.27
N MET B 6 30.91 -17.70 11.28
CA MET B 6 30.72 -16.28 11.60
C MET B 6 29.24 -15.86 11.56
N GLN B 7 28.77 -15.15 12.58
CA GLN B 7 27.40 -14.61 12.58
C GLN B 7 27.38 -13.07 12.65
N ILE B 8 26.48 -12.44 11.89
CA ILE B 8 26.36 -10.97 11.87
C ILE B 8 24.92 -10.47 12.13
N PHE B 9 24.73 -9.15 12.17
CA PHE B 9 23.43 -8.59 12.56
C PHE B 9 22.84 -7.64 11.52
N VAL B 10 21.53 -7.71 11.33
CA VAL B 10 20.82 -6.78 10.44
C VAL B 10 19.70 -6.07 11.19
N LYS B 11 19.86 -4.76 11.37
CA LYS B 11 18.87 -3.93 12.02
C LYS B 11 18.06 -3.18 10.96
N THR B 12 16.79 -3.56 10.82
CA THR B 12 15.83 -2.81 10.02
C THR B 12 15.43 -1.52 10.75
N LEU B 13 14.84 -0.56 10.03
CA LEU B 13 14.41 0.73 10.61
C LEU B 13 13.43 0.58 11.79
N THR B 14 12.78 -0.59 11.88
CA THR B 14 11.83 -0.91 12.95
C THR B 14 12.54 -1.47 14.18
N GLY B 15 13.87 -1.43 14.16
CA GLY B 15 14.65 -1.81 15.31
C GLY B 15 14.82 -3.31 15.47
N LYS B 16 14.13 -4.08 14.61
CA LYS B 16 14.23 -5.53 14.67
C LYS B 16 15.61 -5.95 14.21
N THR B 17 16.36 -6.62 15.08
CA THR B 17 17.68 -7.10 14.71
C THR B 17 17.64 -8.62 14.46
N ILE B 18 17.95 -9.02 13.24
CA ILE B 18 17.93 -10.42 12.93
C ILE B 18 19.37 -10.86 12.80
N THR B 19 19.66 -12.13 13.07
CA THR B 19 21.03 -12.64 13.00
C THR B 19 21.23 -13.52 11.77
N LEU B 20 22.35 -13.35 11.07
CA LEU B 20 22.63 -14.16 9.89
C LEU B 20 23.94 -14.93 10.04
N GLU B 21 24.04 -16.12 9.44
CA GLU B 21 25.33 -16.83 9.45
C GLU B 21 25.98 -16.71 8.08
N VAL B 22 27.14 -16.03 8.05
CA VAL B 22 27.87 -15.70 6.84
C VAL B 22 29.35 -16.04 7.08
N GLU B 23 30.12 -16.26 6.03
CA GLU B 23 31.58 -16.26 6.21
C GLU B 23 32.20 -15.09 5.41
N PRO B 24 33.39 -14.60 5.83
CA PRO B 24 33.94 -13.30 5.37
C PRO B 24 34.08 -13.08 3.86
N SER B 25 33.98 -14.12 3.05
CA SER B 25 34.12 -13.96 1.60
C SER B 25 32.77 -13.80 0.87
N ASP B 26 31.65 -13.89 1.61
CA ASP B 26 30.30 -13.74 1.05
C ASP B 26 30.09 -12.42 0.29
N THR B 27 29.51 -12.49 -0.91
CA THR B 27 29.15 -11.27 -1.63
C THR B 27 28.05 -10.57 -0.84
N ILE B 28 27.94 -9.25 -1.00
CA ILE B 28 26.81 -8.52 -0.45
C ILE B 28 25.51 -9.04 -1.09
N GLU B 29 25.52 -9.24 -2.41
CA GLU B 29 24.39 -9.81 -3.14
C GLU B 29 23.92 -11.16 -2.57
N ASN B 30 24.84 -11.89 -1.93
CA ASN B 30 24.47 -13.11 -1.23
C ASN B 30 23.80 -12.81 0.13
N VAL B 31 24.37 -11.86 0.85
CA VAL B 31 23.83 -11.43 2.14
C VAL B 31 22.40 -10.93 2.00
N LYS B 32 22.13 -10.27 0.88
CA LYS B 32 20.82 -9.72 0.62
C LYS B 32 19.82 -10.85 0.32
N ALA B 33 20.32 -11.98 -0.18
CA ALA B 33 19.49 -13.17 -0.35
C ALA B 33 19.23 -13.88 1.00
N LYS B 34 20.26 -13.99 1.84
CA LYS B 34 20.08 -14.52 3.19
C LYS B 34 19.09 -13.66 3.97
N ILE B 35 19.12 -12.36 3.73
CA ILE B 35 18.19 -11.41 4.32
C ILE B 35 16.80 -11.61 3.75
N GLN B 36 16.73 -11.96 2.47
CA GLN B 36 15.44 -12.25 1.84
C GLN B 36 14.70 -13.42 2.51
N ASP B 37 15.41 -14.50 2.81
CA ASP B 37 14.67 -15.62 3.37
C ASP B 37 14.48 -15.54 4.88
N LYS B 38 15.09 -14.56 5.52
CA LYS B 38 14.67 -14.24 6.89
C LYS B 38 13.48 -13.27 6.95
N GLU B 39 13.45 -12.28 6.06
CA GLU B 39 12.41 -11.24 6.12
C GLU B 39 11.44 -11.10 4.92
N GLY B 40 11.53 -11.99 3.93
CA GLY B 40 10.63 -11.94 2.79
C GLY B 40 10.70 -10.73 1.85
N ILE B 41 11.83 -10.02 1.88
CA ILE B 41 12.04 -8.85 1.01
C ILE B 41 13.18 -9.09 0.00
N PRO B 42 12.84 -9.03 -1.30
CA PRO B 42 13.74 -9.28 -2.44
C PRO B 42 14.92 -8.30 -2.51
N PRO B 43 16.08 -8.78 -2.97
CA PRO B 43 17.34 -8.02 -2.96
C PRO B 43 17.26 -6.72 -3.74
N ASP B 44 16.46 -6.68 -4.81
CA ASP B 44 16.26 -5.47 -5.61
C ASP B 44 15.48 -4.39 -4.85
N GLN B 45 14.89 -4.78 -3.72
CA GLN B 45 14.33 -3.82 -2.77
C GLN B 45 15.25 -3.55 -1.55
N GLN B 46 16.43 -4.17 -1.51
CA GLN B 46 17.31 -4.03 -0.34
C GLN B 46 18.41 -2.99 -0.53
N ARG B 47 18.61 -2.16 0.50
CA ARG B 47 19.81 -1.32 0.58
C ARG B 47 20.54 -1.52 1.93
N LEU B 48 21.84 -1.79 1.85
CA LEU B 48 22.62 -2.08 3.04
C LEU B 48 23.64 -1.01 3.43
N ILE B 49 23.56 -0.57 4.68
CA ILE B 49 24.38 0.53 5.22
C ILE B 49 25.23 0.04 6.41
N PHE B 50 26.55 0.11 6.27
CA PHE B 50 27.51 -0.26 7.33
C PHE B 50 28.72 0.68 7.38
N ALA B 51 29.03 1.18 8.59
CA ALA B 51 30.13 2.15 8.79
C ALA B 51 29.96 3.46 8.01
N GLY B 52 28.70 3.86 7.79
CA GLY B 52 28.42 5.10 7.08
C GLY B 52 28.44 4.97 5.57
N LYS B 53 29.03 3.88 5.07
CA LYS B 53 29.08 3.64 3.63
C LYS B 53 27.90 2.76 3.21
N GLN B 54 27.77 2.54 1.92
CA GLN B 54 26.68 1.74 1.41
C GLN B 54 27.23 0.50 0.74
N LEU B 55 26.83 -0.66 1.22
CA LEU B 55 27.34 -1.91 0.72
C LEU B 55 26.92 -2.15 -0.74
N GLU B 56 27.90 -2.48 -1.59
CA GLU B 56 27.71 -2.64 -3.03
C GLU B 56 27.64 -4.12 -3.43
N ASP B 57 26.84 -4.43 -4.46
CA ASP B 57 26.75 -5.83 -4.91
C ASP B 57 28.02 -6.29 -5.62
N GLY B 58 28.46 -7.50 -5.32
CA GLY B 58 29.68 -8.07 -5.86
C GLY B 58 30.91 -7.84 -4.98
N ARG B 59 30.88 -6.78 -4.18
CA ARG B 59 31.90 -6.64 -3.15
C ARG B 59 31.54 -7.67 -2.09
N THR B 60 32.53 -8.08 -1.29
CA THR B 60 32.31 -9.06 -0.23
C THR B 60 32.57 -8.40 1.12
N LEU B 61 32.37 -9.13 2.20
CA LEU B 61 32.48 -8.56 3.54
C LEU B 61 33.93 -8.40 4.01
N SER B 62 34.86 -9.08 3.33
CA SER B 62 36.28 -8.90 3.60
C SER B 62 36.65 -7.51 3.10
N ASP B 63 36.09 -7.15 1.94
CA ASP B 63 36.27 -5.84 1.32
C ASP B 63 35.92 -4.68 2.25
N TYR B 64 34.83 -4.84 3.00
CA TYR B 64 34.34 -3.80 3.90
C TYR B 64 34.84 -3.99 5.32
N ASN B 65 35.77 -4.93 5.52
CA ASN B 65 36.29 -5.24 6.85
C ASN B 65 35.14 -5.52 7.85
N ILE B 66 34.18 -6.31 7.41
CA ILE B 66 33.05 -6.68 8.27
C ILE B 66 33.45 -7.90 9.07
N GLN B 67 33.23 -7.84 10.38
CA GLN B 67 33.68 -8.91 11.27
C GLN B 67 32.55 -9.35 12.22
N LYS B 68 32.79 -10.45 12.95
CA LYS B 68 31.76 -11.08 13.79
C LYS B 68 31.00 -10.10 14.71
N GLU B 69 29.67 -10.24 14.73
CA GLU B 69 28.73 -9.36 15.45
C GLU B 69 28.66 -7.91 14.95
N SER B 70 29.06 -7.67 13.70
CA SER B 70 28.89 -6.36 13.10
C SER B 70 27.41 -6.15 12.82
N THR B 71 26.93 -4.92 12.93
CA THR B 71 25.52 -4.65 12.71
C THR B 71 25.28 -3.87 11.42
N LEU B 72 24.64 -4.52 10.46
CA LEU B 72 24.25 -3.88 9.21
C LEU B 72 22.88 -3.22 9.34
N HIS B 73 22.69 -2.10 8.66
CA HIS B 73 21.40 -1.44 8.63
C HIS B 73 20.71 -1.63 7.28
N LEU B 74 19.46 -2.06 7.32
CA LEU B 74 18.71 -2.28 6.09
C LEU B 74 17.69 -1.17 5.88
N VAL B 75 17.82 -0.44 4.77
CA VAL B 75 16.86 0.59 4.38
C VAL B 75 16.31 0.33 2.97
N LEU B 76 15.20 0.96 2.62
CA LEU B 76 14.55 0.71 1.33
C LEU B 76 15.39 1.22 0.14
N ARG B 77 15.65 0.37 -0.83
CA ARG B 77 16.34 0.83 -2.03
C ARG B 77 15.19 1.23 -2.92
N LEU B 78 15.02 2.52 -3.13
CA LEU B 78 13.85 2.96 -3.87
C LEU B 78 14.28 3.25 -5.29
N ARG B 79 13.64 2.62 -6.27
CA ARG B 79 14.16 2.66 -7.65
C ARG B 79 13.59 3.76 -8.57
N GLY B 80 12.41 3.53 -9.12
CA GLY B 80 11.75 4.50 -9.97
C GLY B 80 10.98 5.38 -9.03
N GLY B 81 11.67 5.80 -7.99
CA GLY B 81 11.05 6.39 -6.82
C GLY B 81 10.91 5.28 -5.82
#